data_3FJM
#
_entry.id   3FJM
#
_cell.length_a   62.417
_cell.length_b   79.965
_cell.length_c   98.392
_cell.angle_alpha   90.00
_cell.angle_beta   90.00
_cell.angle_gamma   90.00
#
_symmetry.space_group_name_H-M   'P 21 21 21'
#
loop_
_entity.id
_entity.type
_entity.pdbx_description
1 polymer 'Major antigenic peptide PEB3'
2 non-polymer 'PHOSPHATE ION'
3 water water
#
_entity_poly.entity_id   1
_entity_poly.type   'polypeptide(L)'
_entity_poly.pdbx_seq_one_letter_code
;MKKIITLFGACALAFSMANADVNLYGPGGPHTALKDIANKYSEKTGVKVNVNFGPQATWFEKAKKDADILFGASDQSALA
IASDFGKDFNVSKIKPLYFREAIILTQKGNPLKIKGLKDLANKKVRIVVPEGAGKSNTSGTGVWEDMIGRTQDIKTIQNF
RNNIVAFVPNSGSARKLFAQDQADAWITWIDWSKSNPDIGTAVAIEKDLVVYRTFNVIAKEGASKETQDFIAYLSSKEAK
EIFKKYGWREH
;
_entity_poly.pdbx_strand_id   A,B
#
loop_
_chem_comp.id
_chem_comp.type
_chem_comp.name
_chem_comp.formula
PO4 non-polymer 'PHOSPHATE ION' 'O4 P -3'
#
# COMPACT_ATOMS: atom_id res chain seq x y z
N ASP A 21 -0.66 -33.55 -9.34
CA ASP A 21 -0.15 -32.26 -9.90
C ASP A 21 0.30 -31.32 -8.79
N VAL A 22 1.19 -30.40 -9.13
CA VAL A 22 1.52 -29.29 -8.25
C VAL A 22 0.71 -28.09 -8.69
N ASN A 23 -0.17 -27.62 -7.83
CA ASN A 23 -1.09 -26.54 -8.18
C ASN A 23 -0.73 -25.20 -7.53
N LEU A 24 -0.46 -24.21 -8.37
CA LEU A 24 -0.20 -22.85 -7.90
C LEU A 24 -1.41 -21.97 -8.15
N TYR A 25 -1.69 -21.08 -7.21
CA TYR A 25 -2.74 -20.07 -7.37
C TYR A 25 -2.19 -18.71 -7.02
N GLY A 26 -2.64 -17.69 -7.76
CA GLY A 26 -2.20 -16.32 -7.51
C GLY A 26 -2.81 -15.34 -8.46
N PRO A 27 -2.44 -14.05 -8.32
CA PRO A 27 -3.01 -12.98 -9.12
C PRO A 27 -2.40 -12.94 -10.52
N GLY A 28 -3.07 -12.22 -11.42
CA GLY A 28 -2.50 -11.99 -12.75
C GLY A 28 -1.26 -11.13 -12.65
N GLY A 29 -0.29 -11.40 -13.52
CA GLY A 29 0.96 -10.65 -13.55
C GLY A 29 2.15 -11.58 -13.56
N PRO A 30 2.49 -12.15 -12.40
CA PRO A 30 3.59 -13.10 -12.31
C PRO A 30 3.28 -14.38 -13.07
N HIS A 31 2.02 -14.57 -13.46
CA HIS A 31 1.59 -15.82 -14.06
C HIS A 31 2.28 -16.12 -15.38
N THR A 32 2.63 -15.08 -16.14
CA THR A 32 3.28 -15.28 -17.43
C THR A 32 4.66 -15.91 -17.28
N ALA A 33 5.46 -15.38 -16.35
CA ALA A 33 6.75 -15.96 -16.07
C ALA A 33 6.58 -17.38 -15.54
N LEU A 34 5.64 -17.54 -14.59
CA LEU A 34 5.42 -18.83 -13.97
C LEU A 34 4.96 -19.90 -14.96
N LYS A 35 4.15 -19.53 -15.93
CA LYS A 35 3.70 -20.50 -16.92
C LYS A 35 4.87 -20.99 -17.77
N ASP A 36 5.76 -20.08 -18.15
CA ASP A 36 6.96 -20.46 -18.89
C ASP A 36 7.83 -21.38 -18.05
N ILE A 37 8.01 -21.01 -16.78
CA ILE A 37 8.82 -21.79 -15.86
C ILE A 37 8.22 -23.18 -15.65
N ALA A 38 6.92 -23.23 -15.41
CA ALA A 38 6.22 -24.48 -15.16
C ALA A 38 6.32 -25.41 -16.36
N ASN A 39 6.20 -24.85 -17.56
CA ASN A 39 6.30 -25.65 -18.77
C ASN A 39 7.68 -26.28 -18.87
N LYS A 40 8.70 -25.46 -18.69
CA LYS A 40 10.08 -25.93 -18.75
C LYS A 40 10.32 -27.00 -17.68
N TYR A 41 9.82 -26.74 -16.48
CA TYR A 41 10.01 -27.69 -15.38
C TYR A 41 9.35 -29.03 -15.68
N SER A 42 8.11 -28.98 -16.17
CA SER A 42 7.38 -30.20 -16.50
C SER A 42 8.10 -30.99 -17.59
N GLU A 43 8.62 -30.27 -18.58
CA GLU A 43 9.33 -30.93 -19.66
C GLU A 43 10.56 -31.67 -19.14
N LYS A 44 11.22 -31.10 -18.14
CA LYS A 44 12.45 -31.67 -17.62
C LYS A 44 12.20 -32.82 -16.65
N THR A 45 11.25 -32.62 -15.73
CA THR A 45 11.07 -33.53 -14.60
C THR A 45 9.92 -34.52 -14.77
N GLY A 46 8.94 -34.17 -15.59
CA GLY A 46 7.76 -35.02 -15.74
C GLY A 46 6.70 -34.73 -14.69
N VAL A 47 6.96 -33.78 -13.82
CA VAL A 47 5.99 -33.36 -12.83
C VAL A 47 5.07 -32.32 -13.44
N LYS A 48 3.77 -32.57 -13.34
CA LYS A 48 2.78 -31.65 -13.89
C LYS A 48 2.58 -30.47 -12.95
N VAL A 49 2.80 -29.27 -13.47
CA VAL A 49 2.66 -28.06 -12.66
C VAL A 49 1.64 -27.12 -13.29
N ASN A 50 0.57 -26.85 -12.54
CA ASN A 50 -0.51 -26.00 -13.03
C ASN A 50 -0.46 -24.61 -12.44
N VAL A 51 -0.50 -23.60 -13.29
CA VAL A 51 -0.49 -22.21 -12.84
C VAL A 51 -1.88 -21.59 -13.01
N ASN A 52 -2.59 -21.49 -11.89
CA ASN A 52 -3.91 -20.86 -11.88
C ASN A 52 -3.77 -19.39 -11.48
N PHE A 53 -4.45 -18.51 -12.21
CA PHE A 53 -4.30 -17.09 -11.97
C PHE A 53 -5.56 -16.30 -12.27
N GLY A 54 -5.62 -15.08 -11.76
CA GLY A 54 -6.75 -14.19 -11.98
C GLY A 54 -7.23 -13.56 -10.70
N PRO A 55 -8.36 -12.84 -10.76
CA PRO A 55 -8.98 -12.30 -9.57
C PRO A 55 -9.21 -13.40 -8.55
N GLN A 56 -8.89 -13.12 -7.29
CA GLN A 56 -8.95 -14.15 -6.25
C GLN A 56 -10.28 -14.89 -6.22
N ALA A 57 -11.37 -14.16 -6.41
CA ALA A 57 -12.71 -14.75 -6.30
C ALA A 57 -12.95 -15.87 -7.30
N THR A 58 -12.22 -15.84 -8.42
CA THR A 58 -12.43 -16.81 -9.47
C THR A 58 -11.85 -18.19 -9.16
N TRP A 59 -10.88 -18.24 -8.25
CA TRP A 59 -10.22 -19.51 -7.93
C TRP A 59 -10.15 -19.83 -6.44
N PHE A 60 -10.66 -18.94 -5.61
CA PHE A 60 -10.57 -19.10 -4.16
C PHE A 60 -11.12 -20.44 -3.66
N GLU A 61 -12.35 -20.77 -4.04
CA GLU A 61 -12.99 -21.99 -3.56
C GLU A 61 -12.26 -23.25 -4.03
N LYS A 62 -11.77 -23.23 -5.26
CA LYS A 62 -11.00 -24.35 -5.81
C LYS A 62 -9.67 -24.49 -5.08
N ALA A 63 -9.00 -23.37 -4.84
CA ALA A 63 -7.71 -23.37 -4.17
C ALA A 63 -7.81 -23.93 -2.76
N LYS A 64 -8.95 -23.73 -2.12
CA LYS A 64 -9.16 -24.27 -0.78
C LYS A 64 -9.01 -25.79 -0.77
N LYS A 65 -9.21 -26.41 -1.92
CA LYS A 65 -9.18 -27.87 -2.01
C LYS A 65 -7.80 -28.42 -2.34
N ASP A 66 -7.07 -27.74 -3.24
CA ASP A 66 -5.87 -28.35 -3.80
C ASP A 66 -4.67 -27.41 -3.99
N ALA A 67 -4.72 -26.21 -3.44
CA ALA A 67 -3.58 -25.29 -3.57
C ALA A 67 -2.35 -25.84 -2.89
N ASP A 68 -1.26 -25.98 -3.66
CA ASP A 68 0.02 -26.40 -3.11
C ASP A 68 0.87 -25.18 -2.82
N ILE A 69 0.73 -24.16 -3.65
CA ILE A 69 1.53 -22.94 -3.56
C ILE A 69 0.67 -21.73 -3.89
N LEU A 70 0.78 -20.69 -3.08
CA LEU A 70 0.20 -19.39 -3.43
C LEU A 70 1.34 -18.47 -3.84
N PHE A 71 1.22 -17.85 -5.02
CA PHE A 71 2.21 -16.86 -5.42
C PHE A 71 1.60 -15.47 -5.36
N GLY A 72 2.46 -14.46 -5.18
CA GLY A 72 1.99 -13.09 -5.00
C GLY A 72 2.69 -12.07 -5.86
N ALA A 73 2.03 -10.93 -6.06
CA ALA A 73 2.55 -9.86 -6.92
C ALA A 73 2.99 -8.65 -6.09
N SER A 74 2.84 -8.76 -4.78
CA SER A 74 3.39 -7.80 -3.82
C SER A 74 3.33 -8.44 -2.45
N ASP A 75 3.93 -7.80 -1.46
CA ASP A 75 3.92 -8.40 -0.13
C ASP A 75 2.57 -8.20 0.56
N GLN A 76 2.07 -6.97 0.55
CA GLN A 76 0.79 -6.68 1.21
C GLN A 76 -0.36 -7.50 0.65
N SER A 77 -0.39 -7.69 -0.67
CA SER A 77 -1.44 -8.47 -1.29
C SER A 77 -1.28 -9.97 -1.00
N ALA A 78 -0.03 -10.44 -0.99
CA ALA A 78 0.26 -11.83 -0.68
C ALA A 78 -0.12 -12.15 0.76
N LEU A 79 0.20 -11.24 1.66
CA LEU A 79 -0.16 -11.41 3.06
C LEU A 79 -1.68 -11.52 3.19
N ALA A 80 -2.40 -10.66 2.47
CA ALA A 80 -3.85 -10.66 2.50
C ALA A 80 -4.41 -11.99 1.99
N ILE A 81 -3.96 -12.40 0.81
CA ILE A 81 -4.48 -13.61 0.19
C ILE A 81 -4.18 -14.86 1.02
N ALA A 82 -2.95 -15.00 1.48
CA ALA A 82 -2.58 -16.16 2.29
C ALA A 82 -3.36 -16.21 3.59
N SER A 83 -3.65 -15.04 4.16
CA SER A 83 -4.43 -14.95 5.39
C SER A 83 -5.84 -15.51 5.20
N ASP A 84 -6.37 -15.37 3.99
CA ASP A 84 -7.72 -15.83 3.69
C ASP A 84 -7.87 -17.35 3.78
N PHE A 85 -6.74 -18.07 3.74
CA PHE A 85 -6.75 -19.53 3.73
C PHE A 85 -6.65 -20.15 5.12
N GLY A 86 -6.62 -19.31 6.15
CA GLY A 86 -6.54 -19.81 7.51
C GLY A 86 -5.41 -20.81 7.71
N LYS A 87 -5.71 -21.89 8.42
CA LYS A 87 -4.68 -22.84 8.86
C LYS A 87 -3.99 -23.63 7.76
N ASP A 88 -4.52 -23.57 6.53
CA ASP A 88 -3.90 -24.25 5.41
C ASP A 88 -2.51 -23.69 5.09
N PHE A 89 -2.34 -22.40 5.37
CA PHE A 89 -1.08 -21.73 5.11
C PHE A 89 -0.63 -20.94 6.34
N ASN A 90 0.69 -20.93 6.58
CA ASN A 90 1.27 -20.13 7.64
C ASN A 90 1.90 -18.89 7.04
N VAL A 91 1.23 -17.75 7.16
CA VAL A 91 1.64 -16.52 6.48
C VAL A 91 3.08 -16.09 6.78
N SER A 92 3.63 -16.58 7.90
CA SER A 92 4.99 -16.24 8.26
C SER A 92 5.99 -16.81 7.27
N LYS A 93 5.51 -17.71 6.41
CA LYS A 93 6.39 -18.44 5.51
C LYS A 93 6.39 -17.89 4.08
N ILE A 94 5.92 -16.65 3.93
CA ILE A 94 5.96 -15.99 2.62
C ILE A 94 7.41 -15.70 2.22
N LYS A 95 7.77 -16.07 0.99
CA LYS A 95 9.15 -15.97 0.51
C LYS A 95 9.29 -14.99 -0.63
N PRO A 96 9.82 -13.79 -0.36
CA PRO A 96 10.11 -12.86 -1.45
C PRO A 96 11.29 -13.36 -2.27
N LEU A 97 11.16 -13.35 -3.60
CA LEU A 97 12.22 -13.90 -4.46
C LEU A 97 12.74 -12.92 -5.52
N TYR A 98 11.85 -12.08 -6.06
CA TYR A 98 12.24 -11.11 -7.07
C TYR A 98 11.49 -9.82 -6.86
N PHE A 99 11.92 -8.75 -7.52
CA PHE A 99 11.19 -7.49 -7.51
C PHE A 99 11.18 -6.89 -8.91
N ARG A 100 10.28 -5.94 -9.15
CA ARG A 100 10.31 -5.20 -10.40
C ARG A 100 9.79 -3.79 -10.18
N GLU A 101 10.09 -2.89 -11.11
CA GLU A 101 9.73 -1.49 -10.96
C GLU A 101 8.33 -1.22 -11.49
N ALA A 102 7.65 -0.25 -10.88
CA ALA A 102 6.41 0.26 -11.43
C ALA A 102 6.73 1.05 -12.68
N ILE A 103 5.78 1.11 -13.61
CA ILE A 103 5.93 1.89 -14.82
C ILE A 103 4.62 2.62 -15.11
N ILE A 104 4.68 3.55 -16.05
CA ILE A 104 3.48 4.13 -16.63
C ILE A 104 3.28 3.49 -17.99
N LEU A 105 2.12 2.87 -18.19
CA LEU A 105 1.79 2.35 -19.51
C LEU A 105 0.87 3.32 -20.22
N THR A 106 1.32 3.80 -21.38
CA THR A 106 0.54 4.74 -22.17
C THR A 106 -0.01 4.02 -23.40
N GLN A 107 -0.99 4.63 -24.06
CA GLN A 107 -1.52 4.05 -25.28
C GLN A 107 -0.37 3.96 -26.28
N LYS A 108 -0.41 2.94 -27.13
CA LYS A 108 0.69 2.70 -28.07
C LYS A 108 1.08 3.97 -28.82
N GLY A 109 2.36 4.31 -28.77
CA GLY A 109 2.87 5.49 -29.45
C GLY A 109 3.01 6.68 -28.50
N ASN A 110 2.42 6.57 -27.31
CA ASN A 110 2.49 7.64 -26.32
C ASN A 110 2.11 8.99 -26.94
N PRO A 111 0.87 9.10 -27.43
CA PRO A 111 0.43 10.30 -28.18
C PRO A 111 0.51 11.59 -27.36
N LEU A 112 0.35 11.48 -26.04
CA LEU A 112 0.35 12.67 -25.19
C LEU A 112 1.75 13.01 -24.69
N LYS A 113 2.75 12.28 -25.16
CA LYS A 113 4.15 12.53 -24.81
C LYS A 113 4.36 12.57 -23.31
N ILE A 114 3.81 11.59 -22.60
CA ILE A 114 3.96 11.51 -21.15
C ILE A 114 5.40 11.20 -20.77
N LYS A 115 5.95 11.97 -19.84
CA LYS A 115 7.36 11.88 -19.50
C LYS A 115 7.64 11.32 -18.11
N GLY A 116 6.59 11.06 -17.34
CA GLY A 116 6.76 10.56 -15.98
C GLY A 116 5.57 10.94 -15.11
N LEU A 117 5.71 10.73 -13.80
CA LEU A 117 4.62 10.98 -12.86
C LEU A 117 4.33 12.46 -12.67
N LYS A 118 5.37 13.27 -12.58
CA LYS A 118 5.18 14.71 -12.44
C LYS A 118 4.48 15.24 -13.69
N ASP A 119 4.86 14.71 -14.84
CA ASP A 119 4.24 15.10 -16.09
C ASP A 119 2.76 14.75 -16.08
N LEU A 120 2.43 13.57 -15.55
CA LEU A 120 1.03 13.16 -15.41
C LEU A 120 0.25 14.14 -14.54
N ALA A 121 0.87 14.59 -13.46
CA ALA A 121 0.22 15.52 -12.54
C ALA A 121 -0.07 16.85 -13.22
N ASN A 122 0.85 17.28 -14.09
CA ASN A 122 0.75 18.59 -14.73
C ASN A 122 -0.21 18.63 -15.91
N LYS A 123 -0.34 17.50 -16.59
CA LYS A 123 -1.18 17.44 -17.78
C LYS A 123 -2.61 17.04 -17.45
N LYS A 124 -3.51 17.21 -18.42
CA LYS A 124 -4.88 16.75 -18.26
C LYS A 124 -5.00 15.37 -18.90
N VAL A 125 -4.96 14.34 -18.06
CA VAL A 125 -4.92 12.97 -18.55
C VAL A 125 -5.75 12.07 -17.66
N ARG A 126 -6.21 10.96 -18.23
CA ARG A 126 -6.99 9.98 -17.51
C ARG A 126 -6.11 8.82 -17.05
N ILE A 127 -6.02 8.64 -15.74
CA ILE A 127 -5.16 7.61 -15.16
C ILE A 127 -5.98 6.49 -14.53
N VAL A 128 -5.56 5.25 -14.75
CA VAL A 128 -6.17 4.11 -14.06
C VAL A 128 -5.15 3.46 -13.12
N VAL A 129 -5.59 3.11 -11.93
CA VAL A 129 -4.73 2.49 -10.93
C VAL A 129 -5.49 1.38 -10.21
N PRO A 130 -4.83 0.27 -9.91
CA PRO A 130 -5.48 -0.76 -9.11
C PRO A 130 -5.34 -0.43 -7.63
N GLU A 131 -6.48 -0.38 -6.94
CA GLU A 131 -6.51 -0.16 -5.50
C GLU A 131 -7.54 -1.11 -4.89
N GLY A 132 -7.15 -1.80 -3.83
CA GLY A 132 -8.02 -2.84 -3.25
C GLY A 132 -9.26 -2.29 -2.59
N ALA A 133 -9.16 -1.07 -2.07
CA ALA A 133 -10.26 -0.44 -1.34
C ALA A 133 -10.74 -1.32 -0.19
N GLY A 134 -9.84 -2.15 0.33
CA GLY A 134 -10.12 -2.98 1.50
C GLY A 134 -11.03 -4.17 1.22
N LYS A 135 -11.36 -4.38 -0.04
CA LYS A 135 -12.25 -5.49 -0.41
C LYS A 135 -11.70 -6.34 -1.56
N SER A 136 -10.55 -5.93 -2.10
CA SER A 136 -9.86 -6.72 -3.09
C SER A 136 -8.37 -6.73 -2.75
N ASN A 137 -7.71 -7.85 -3.01
CA ASN A 137 -6.29 -7.98 -2.74
C ASN A 137 -5.48 -7.86 -4.02
N THR A 138 -4.90 -6.68 -4.22
CA THR A 138 -4.20 -6.35 -5.47
C THR A 138 -2.83 -5.74 -5.19
N SER A 139 -1.88 -6.01 -6.08
CA SER A 139 -0.52 -5.52 -5.93
C SER A 139 -0.43 -3.99 -6.01
N GLY A 140 -1.50 -3.36 -6.48
CA GLY A 140 -1.46 -1.92 -6.71
C GLY A 140 -1.66 -1.06 -5.48
N THR A 141 -2.25 -1.64 -4.45
CA THR A 141 -2.65 -0.87 -3.27
C THR A 141 -1.50 -0.10 -2.62
N GLY A 142 -1.63 1.23 -2.59
CA GLY A 142 -0.64 2.08 -1.95
C GLY A 142 0.46 2.58 -2.87
N VAL A 143 0.49 2.05 -4.08
CA VAL A 143 1.59 2.34 -5.01
C VAL A 143 1.60 3.79 -5.50
N TRP A 144 0.50 4.25 -6.08
CA TRP A 144 0.51 5.57 -6.68
C TRP A 144 0.82 6.67 -5.66
N GLU A 145 0.26 6.55 -4.46
CA GLU A 145 0.48 7.59 -3.46
C GLU A 145 1.91 7.57 -2.93
N ASP A 146 2.49 6.38 -2.83
CA ASP A 146 3.86 6.28 -2.35
C ASP A 146 4.85 6.87 -3.33
N MET A 147 4.55 6.79 -4.62
CA MET A 147 5.43 7.35 -5.63
C MET A 147 5.27 8.87 -5.73
N ILE A 148 4.06 9.33 -5.97
CA ILE A 148 3.83 10.76 -6.13
C ILE A 148 4.07 11.51 -4.82
N GLY A 149 3.90 10.83 -3.69
CA GLY A 149 4.12 11.44 -2.40
C GLY A 149 5.56 11.86 -2.20
N ARG A 150 6.46 11.20 -2.91
CA ARG A 150 7.89 11.50 -2.77
C ARG A 150 8.30 12.80 -3.44
N THR A 151 7.34 13.45 -4.11
CA THR A 151 7.56 14.81 -4.61
C THR A 151 7.45 15.81 -3.46
N GLN A 152 6.90 15.36 -2.35
CA GLN A 152 6.76 16.20 -1.15
C GLN A 152 6.08 17.53 -1.47
N ASP A 153 5.05 17.47 -2.29
CA ASP A 153 4.31 18.67 -2.67
C ASP A 153 2.83 18.34 -2.78
N ILE A 154 2.04 18.88 -1.87
CA ILE A 154 0.63 18.52 -1.79
C ILE A 154 -0.15 18.89 -3.04
N LYS A 155 0.23 19.98 -3.70
CA LYS A 155 -0.45 20.39 -4.92
C LYS A 155 -0.21 19.37 -6.04
N THR A 156 1.02 18.87 -6.12
CA THR A 156 1.35 17.84 -7.10
C THR A 156 0.57 16.56 -6.83
N ILE A 157 0.50 16.17 -5.56
CA ILE A 157 -0.27 15.01 -5.15
C ILE A 157 -1.75 15.18 -5.51
N GLN A 158 -2.30 16.35 -5.18
CA GLN A 158 -3.69 16.68 -5.49
C GLN A 158 -3.94 16.59 -6.99
N ASN A 159 -3.06 17.21 -7.76
CA ASN A 159 -3.19 17.23 -9.22
C ASN A 159 -3.17 15.83 -9.80
N PHE A 160 -2.23 15.01 -9.34
CA PHE A 160 -2.13 13.65 -9.82
C PHE A 160 -3.43 12.91 -9.53
N ARG A 161 -3.91 13.01 -8.29
CA ARG A 161 -5.11 12.29 -7.89
C ARG A 161 -6.33 12.74 -8.69
N ASN A 162 -6.39 14.03 -9.00
CA ASN A 162 -7.49 14.57 -9.78
C ASN A 162 -7.57 13.95 -11.17
N ASN A 163 -6.46 13.40 -11.63
CA ASN A 163 -6.40 12.77 -12.95
C ASN A 163 -6.76 11.28 -12.94
N ILE A 164 -6.92 10.71 -11.75
CA ILE A 164 -7.30 9.30 -11.65
C ILE A 164 -8.79 9.15 -11.94
N VAL A 165 -9.12 8.52 -13.05
CA VAL A 165 -10.50 8.37 -13.48
C VAL A 165 -11.11 7.07 -12.97
N ALA A 166 -10.26 6.13 -12.57
CA ALA A 166 -10.74 4.84 -12.12
C ALA A 166 -9.78 4.15 -11.17
N PHE A 167 -10.30 3.79 -9.99
CA PHE A 167 -9.59 2.90 -9.07
C PHE A 167 -10.22 1.53 -9.24
N VAL A 168 -9.46 0.58 -9.77
CA VAL A 168 -10.01 -0.74 -10.07
C VAL A 168 -9.52 -1.81 -9.09
N PRO A 169 -10.29 -2.90 -8.94
CA PRO A 169 -9.98 -3.89 -7.91
C PRO A 169 -8.76 -4.77 -8.16
N ASN A 170 -8.31 -4.86 -9.41
CA ASN A 170 -7.13 -5.66 -9.75
C ASN A 170 -6.53 -5.24 -11.09
N SER A 171 -5.32 -5.70 -11.36
CA SER A 171 -4.62 -5.31 -12.58
C SER A 171 -5.32 -5.77 -13.85
N GLY A 172 -5.96 -6.93 -13.79
CA GLY A 172 -6.73 -7.44 -14.93
C GLY A 172 -7.84 -6.47 -15.31
N SER A 173 -8.47 -5.87 -14.31
CA SER A 173 -9.51 -4.88 -14.53
C SER A 173 -8.93 -3.61 -15.16
N ALA A 174 -7.76 -3.22 -14.70
CA ALA A 174 -7.06 -2.07 -15.27
C ALA A 174 -6.73 -2.33 -16.74
N ARG A 175 -6.24 -3.53 -17.03
CA ARG A 175 -5.87 -3.87 -18.40
C ARG A 175 -7.07 -3.75 -19.33
N LYS A 176 -8.21 -4.26 -18.88
CA LYS A 176 -9.42 -4.23 -19.69
C LYS A 176 -9.87 -2.81 -19.96
N LEU A 177 -9.87 -1.99 -18.91
CA LEU A 177 -10.24 -0.59 -19.02
C LEU A 177 -9.29 0.13 -19.98
N PHE A 178 -8.00 -0.13 -19.80
CA PHE A 178 -6.97 0.48 -20.63
C PHE A 178 -7.11 0.07 -22.09
N ALA A 179 -7.38 -1.21 -22.33
CA ALA A 179 -7.53 -1.73 -23.69
C ALA A 179 -8.73 -1.10 -24.41
N GLN A 180 -9.74 -0.70 -23.64
CA GLN A 180 -10.93 -0.06 -24.20
C GLN A 180 -10.71 1.43 -24.45
N ASP A 181 -9.47 1.88 -24.30
CA ASP A 181 -9.11 3.28 -24.51
C ASP A 181 -9.88 4.22 -23.59
N GLN A 182 -10.14 3.76 -22.37
CA GLN A 182 -10.88 4.57 -21.40
C GLN A 182 -9.92 5.29 -20.43
N ALA A 183 -8.62 5.06 -20.60
CA ALA A 183 -7.60 5.77 -19.84
C ALA A 183 -6.36 6.02 -20.69
N ASP A 184 -5.69 7.14 -20.44
CA ASP A 184 -4.48 7.51 -21.17
C ASP A 184 -3.25 6.87 -20.56
N ALA A 185 -3.31 6.61 -19.25
CA ALA A 185 -2.17 6.07 -18.54
C ALA A 185 -2.61 5.08 -17.48
N TRP A 186 -1.86 3.99 -17.37
CA TRP A 186 -2.14 2.96 -16.39
C TRP A 186 -0.87 2.78 -15.55
N ILE A 187 -0.99 3.04 -14.25
CA ILE A 187 0.11 2.82 -13.34
C ILE A 187 0.20 1.33 -13.04
N THR A 188 1.26 0.70 -13.51
CA THR A 188 1.37 -0.76 -13.45
C THR A 188 2.81 -1.20 -13.21
N TRP A 189 3.11 -2.45 -13.56
CA TRP A 189 4.44 -3.01 -13.38
C TRP A 189 5.08 -3.33 -14.73
N ILE A 190 6.41 -3.27 -14.77
CA ILE A 190 7.12 -3.54 -16.01
C ILE A 190 6.70 -4.87 -16.65
N ASP A 191 6.42 -5.87 -15.82
CA ASP A 191 6.10 -7.20 -16.35
C ASP A 191 4.81 -7.21 -17.18
N TRP A 192 3.87 -6.32 -16.87
CA TRP A 192 2.65 -6.23 -17.66
C TRP A 192 2.94 -5.75 -19.07
N SER A 193 3.93 -4.87 -19.21
CA SER A 193 4.36 -4.42 -20.52
C SER A 193 5.15 -5.52 -21.23
N LYS A 194 6.04 -6.18 -20.50
CA LYS A 194 6.83 -7.26 -21.08
C LYS A 194 5.95 -8.40 -21.55
N SER A 195 4.86 -8.66 -20.83
CA SER A 195 3.92 -9.72 -21.17
C SER A 195 2.97 -9.33 -22.29
N ASN A 196 2.83 -8.03 -22.50
CA ASN A 196 1.90 -7.49 -23.49
C ASN A 196 2.54 -6.32 -24.23
N PRO A 197 3.58 -6.61 -25.01
CA PRO A 197 4.36 -5.56 -25.66
C PRO A 197 3.52 -4.65 -26.56
N ASP A 198 2.45 -5.20 -27.12
CA ASP A 198 1.70 -4.49 -28.16
C ASP A 198 0.56 -3.61 -27.65
N ILE A 199 0.13 -3.83 -26.41
CA ILE A 199 -1.06 -3.11 -25.94
C ILE A 199 -0.80 -1.66 -25.51
N GLY A 200 0.47 -1.26 -25.46
CA GLY A 200 0.80 0.11 -25.08
C GLY A 200 2.30 0.36 -25.05
N THR A 201 2.67 1.59 -24.72
CA THR A 201 4.07 1.99 -24.69
C THR A 201 4.48 2.31 -23.26
N ALA A 202 5.53 1.63 -22.78
CA ALA A 202 5.99 1.81 -21.42
C ALA A 202 6.82 3.08 -21.27
N VAL A 203 6.52 3.85 -20.23
CA VAL A 203 7.30 5.04 -19.90
C VAL A 203 7.87 4.86 -18.49
N ALA A 204 9.18 4.98 -18.36
CA ALA A 204 9.84 4.79 -17.08
C ALA A 204 9.46 5.89 -16.11
N ILE A 205 9.36 5.53 -14.82
CA ILE A 205 9.06 6.49 -13.79
C ILE A 205 10.35 7.08 -13.21
N GLU A 206 10.29 8.35 -12.82
CA GLU A 206 11.43 9.02 -12.21
C GLU A 206 12.07 8.12 -11.15
N LYS A 207 13.39 7.91 -11.26
CA LYS A 207 14.09 7.02 -10.36
C LYS A 207 13.97 7.42 -8.89
N ASP A 208 13.76 8.71 -8.63
CA ASP A 208 13.63 9.18 -7.26
C ASP A 208 12.21 9.04 -6.70
N LEU A 209 11.28 8.60 -7.55
CA LEU A 209 9.89 8.44 -7.13
C LEU A 209 9.41 7.00 -7.19
N VAL A 210 10.00 6.21 -8.08
CA VAL A 210 9.50 4.88 -8.40
C VAL A 210 9.55 3.93 -7.18
N VAL A 211 8.61 2.99 -7.13
CA VAL A 211 8.69 1.92 -6.14
C VAL A 211 8.87 0.58 -6.82
N TYR A 212 9.44 -0.36 -6.07
CA TYR A 212 9.69 -1.71 -6.54
C TYR A 212 8.96 -2.65 -5.60
N ARG A 213 8.14 -3.54 -6.16
CA ARG A 213 7.47 -4.54 -5.35
C ARG A 213 7.84 -5.96 -5.77
N THR A 214 7.55 -6.91 -4.89
CA THR A 214 8.13 -8.24 -5.00
C THR A 214 7.20 -9.32 -5.53
N PHE A 215 7.82 -10.37 -6.08
CA PHE A 215 7.16 -11.64 -6.33
C PHE A 215 7.48 -12.52 -5.14
N ASN A 216 6.51 -13.31 -4.69
CA ASN A 216 6.74 -14.21 -3.58
C ASN A 216 5.94 -15.50 -3.75
N VAL A 217 6.30 -16.49 -2.94
CA VAL A 217 5.60 -17.76 -2.92
C VAL A 217 5.47 -18.25 -1.49
N ILE A 218 4.43 -19.04 -1.24
CA ILE A 218 4.28 -19.72 0.04
C ILE A 218 3.75 -21.13 -0.21
N ALA A 219 4.41 -22.11 0.39
CA ALA A 219 3.99 -23.50 0.25
C ALA A 219 3.01 -23.85 1.36
N LYS A 220 2.02 -24.67 1.04
CA LYS A 220 1.03 -25.06 2.04
C LYS A 220 1.70 -25.82 3.17
N GLU A 221 1.07 -25.81 4.34
CA GLU A 221 1.53 -26.63 5.45
C GLU A 221 1.47 -28.09 5.00
N GLY A 222 2.56 -28.82 5.23
CA GLY A 222 2.63 -30.22 4.85
C GLY A 222 2.87 -30.41 3.37
N ALA A 223 3.43 -29.38 2.73
CA ALA A 223 3.72 -29.43 1.30
C ALA A 223 4.53 -30.67 0.90
N SER A 224 4.17 -31.26 -0.23
CA SER A 224 4.85 -32.46 -0.73
C SER A 224 6.29 -32.17 -1.16
N LYS A 225 7.08 -33.23 -1.30
CA LYS A 225 8.46 -33.08 -1.75
C LYS A 225 8.48 -32.45 -3.14
N GLU A 226 7.54 -32.86 -4.00
CA GLU A 226 7.48 -32.35 -5.35
C GLU A 226 7.14 -30.86 -5.36
N THR A 227 6.26 -30.46 -4.47
CA THR A 227 5.94 -29.04 -4.31
C THR A 227 7.18 -28.27 -3.88
N GLN A 228 7.88 -28.79 -2.87
CA GLN A 228 9.09 -28.16 -2.38
C GLN A 228 10.16 -28.08 -3.47
N ASP A 229 10.26 -29.13 -4.29
CA ASP A 229 11.23 -29.17 -5.36
C ASP A 229 10.97 -28.07 -6.38
N PHE A 230 9.70 -27.81 -6.68
CA PHE A 230 9.38 -26.76 -7.63
C PHE A 230 9.71 -25.39 -7.05
N ILE A 231 9.44 -25.21 -5.76
CA ILE A 231 9.80 -23.96 -5.10
C ILE A 231 11.30 -23.69 -5.22
N ALA A 232 12.10 -24.73 -5.01
CA ALA A 232 13.54 -24.62 -5.18
C ALA A 232 13.88 -24.20 -6.60
N TYR A 233 13.17 -24.76 -7.57
CA TYR A 233 13.41 -24.48 -8.98
C TYR A 233 13.21 -23.01 -9.31
N LEU A 234 12.35 -22.34 -8.55
CA LEU A 234 12.09 -20.92 -8.80
C LEU A 234 13.33 -20.07 -8.55
N SER A 235 14.32 -20.65 -7.88
CA SER A 235 15.58 -19.96 -7.64
C SER A 235 16.72 -20.53 -8.48
N SER A 236 16.38 -21.43 -9.40
CA SER A 236 17.36 -22.02 -10.29
C SER A 236 17.80 -21.04 -11.36
N LYS A 237 18.94 -21.31 -11.98
CA LYS A 237 19.44 -20.44 -13.03
C LYS A 237 18.43 -20.33 -14.18
N GLU A 238 17.79 -21.44 -14.50
CA GLU A 238 16.78 -21.48 -15.56
C GLU A 238 15.61 -20.55 -15.25
N ALA A 239 15.11 -20.60 -14.02
CA ALA A 239 13.99 -19.77 -13.62
C ALA A 239 14.39 -18.30 -13.57
N LYS A 240 15.57 -18.03 -13.03
CA LYS A 240 16.08 -16.66 -12.95
C LYS A 240 16.05 -16.00 -14.33
N GLU A 241 16.46 -16.74 -15.34
CA GLU A 241 16.52 -16.19 -16.69
C GLU A 241 15.13 -15.88 -17.25
N ILE A 242 14.17 -16.74 -16.96
CA ILE A 242 12.80 -16.50 -17.40
C ILE A 242 12.21 -15.30 -16.67
N PHE A 243 12.40 -15.25 -15.36
CA PHE A 243 11.94 -14.10 -14.59
C PHE A 243 12.53 -12.81 -15.16
N LYS A 244 13.82 -12.85 -15.47
CA LYS A 244 14.51 -11.66 -15.98
C LYS A 244 13.89 -11.15 -17.28
N LYS A 245 13.48 -12.08 -18.14
CA LYS A 245 12.87 -11.71 -19.41
C LYS A 245 11.62 -10.88 -19.21
N TYR A 246 10.91 -11.13 -18.12
CA TYR A 246 9.68 -10.41 -17.83
C TYR A 246 9.91 -9.18 -16.94
N GLY A 247 11.17 -8.92 -16.61
CA GLY A 247 11.53 -7.71 -15.88
C GLY A 247 11.79 -7.90 -14.40
N TRP A 248 11.71 -9.14 -13.92
CA TRP A 248 11.91 -9.43 -12.50
C TRP A 248 13.40 -9.50 -12.19
N ARG A 249 13.81 -8.80 -11.12
CA ARG A 249 15.22 -8.58 -10.81
C ARG A 249 15.57 -9.12 -9.43
N GLU A 250 16.88 -9.16 -9.15
CA GLU A 250 17.39 -9.53 -7.82
C GLU A 250 18.15 -8.48 -6.95
N HIS A 251 19.08 -7.65 -7.44
CA HIS A 251 19.74 -7.57 -8.76
C HIS A 251 18.99 -6.81 -9.85
N ASP B 21 -24.08 20.34 15.31
CA ASP B 21 -22.74 19.75 15.57
C ASP B 21 -22.10 19.26 14.27
N VAL B 22 -20.78 19.36 14.18
CA VAL B 22 -20.04 18.77 13.08
C VAL B 22 -19.28 17.54 13.60
N ASN B 23 -19.63 16.37 13.10
CA ASN B 23 -19.04 15.12 13.58
C ASN B 23 -18.07 14.50 12.58
N LEU B 24 -16.82 14.33 13.02
CA LEU B 24 -15.78 13.71 12.20
C LEU B 24 -15.48 12.30 12.69
N TYR B 25 -15.21 11.41 11.76
CA TYR B 25 -14.81 10.04 12.07
C TYR B 25 -13.58 9.67 11.25
N GLY B 26 -12.66 8.93 11.86
CA GLY B 26 -11.48 8.45 11.15
C GLY B 26 -10.54 7.68 12.05
N PRO B 27 -9.37 7.31 11.51
CA PRO B 27 -8.38 6.49 12.20
C PRO B 27 -7.55 7.29 13.21
N GLY B 28 -6.92 6.59 14.14
CA GLY B 28 -5.98 7.22 15.06
C GLY B 28 -4.79 7.76 14.30
N GLY B 29 -4.26 8.88 14.77
CA GLY B 29 -3.12 9.52 14.14
C GLY B 29 -3.38 11.00 13.92
N PRO B 30 -4.12 11.32 12.86
CA PRO B 30 -4.49 12.71 12.57
C PRO B 30 -5.39 13.29 13.64
N HIS B 31 -5.93 12.44 14.50
CA HIS B 31 -6.90 12.88 15.49
C HIS B 31 -6.34 13.90 16.48
N THR B 32 -5.04 13.83 16.73
CA THR B 32 -4.42 14.75 17.68
C THR B 32 -4.38 16.17 17.15
N ALA B 33 -4.02 16.31 15.88
CA ALA B 33 -4.06 17.62 15.24
C ALA B 33 -5.49 18.12 15.16
N LEU B 34 -6.39 17.22 14.76
CA LEU B 34 -7.80 17.59 14.59
C LEU B 34 -8.46 18.04 15.89
N LYS B 35 -8.13 17.36 16.99
CA LYS B 35 -8.68 17.73 18.29
C LYS B 35 -8.30 19.16 18.64
N ASP B 36 -7.04 19.51 18.42
CA ASP B 36 -6.56 20.86 18.69
C ASP B 36 -7.28 21.86 17.80
N ILE B 37 -7.36 21.54 16.52
CA ILE B 37 -8.02 22.42 15.55
C ILE B 37 -9.49 22.59 15.88
N ALA B 38 -10.15 21.49 16.25
CA ALA B 38 -11.57 21.53 16.57
C ALA B 38 -11.81 22.38 17.81
N ASN B 39 -10.96 22.20 18.81
CA ASN B 39 -11.04 22.99 20.04
C ASN B 39 -11.00 24.48 19.72
N LYS B 40 -9.96 24.89 19.00
CA LYS B 40 -9.78 26.28 18.63
C LYS B 40 -10.96 26.80 17.82
N TYR B 41 -11.43 25.99 16.88
CA TYR B 41 -12.54 26.38 16.00
C TYR B 41 -13.84 26.56 16.78
N SER B 42 -14.14 25.60 17.67
CA SER B 42 -15.38 25.65 18.44
C SER B 42 -15.43 26.87 19.35
N GLU B 43 -14.30 27.19 19.97
CA GLU B 43 -14.23 28.35 20.85
C GLU B 43 -14.45 29.64 20.07
N LYS B 44 -13.93 29.67 18.84
CA LYS B 44 -13.95 30.88 18.02
C LYS B 44 -15.29 31.13 17.32
N THR B 45 -15.95 30.05 16.90
CA THR B 45 -17.15 30.17 16.08
C THR B 45 -18.42 29.81 16.84
N GLY B 46 -18.28 29.07 17.94
CA GLY B 46 -19.43 28.61 18.69
C GLY B 46 -19.96 27.29 18.14
N VAL B 47 -19.46 26.89 16.98
CA VAL B 47 -19.85 25.64 16.36
C VAL B 47 -19.15 24.46 17.01
N LYS B 48 -19.93 23.46 17.43
CA LYS B 48 -19.39 22.31 18.13
C LYS B 48 -18.87 21.26 17.15
N VAL B 49 -17.58 20.98 17.22
CA VAL B 49 -16.96 19.99 16.33
C VAL B 49 -16.40 18.81 17.13
N ASN B 50 -16.88 17.61 16.82
CA ASN B 50 -16.45 16.41 17.50
C ASN B 50 -15.54 15.55 16.64
N VAL B 51 -14.42 15.11 17.23
CA VAL B 51 -13.47 14.26 16.53
C VAL B 51 -13.50 12.84 17.10
N ASN B 52 -14.18 11.93 16.38
CA ASN B 52 -14.21 10.53 16.76
C ASN B 52 -13.13 9.77 16.01
N PHE B 53 -12.38 8.94 16.73
CA PHE B 53 -11.24 8.26 16.14
C PHE B 53 -11.03 6.86 16.70
N GLY B 54 -10.14 6.10 16.06
CA GLY B 54 -9.81 4.75 16.48
C GLY B 54 -10.01 3.76 15.36
N PRO B 55 -9.85 2.45 15.67
CA PRO B 55 -10.10 1.38 14.71
C PRO B 55 -11.50 1.52 14.12
N GLN B 56 -11.61 1.34 12.81
CA GLN B 56 -12.88 1.56 12.11
C GLN B 56 -14.07 0.87 12.78
N ALA B 57 -13.84 -0.34 13.31
CA ALA B 57 -14.92 -1.13 13.89
C ALA B 57 -15.52 -0.49 15.14
N THR B 58 -14.75 0.37 15.80
CA THR B 58 -15.20 0.98 17.04
C THR B 58 -16.20 2.11 16.80
N TRP B 59 -16.24 2.63 15.58
CA TRP B 59 -17.12 3.76 15.28
C TRP B 59 -17.95 3.63 13.99
N PHE B 60 -17.74 2.55 13.24
CA PHE B 60 -18.37 2.40 11.94
C PHE B 60 -19.88 2.54 11.96
N GLU B 61 -20.55 1.79 12.83
CA GLU B 61 -22.00 1.80 12.89
C GLU B 61 -22.55 3.20 13.20
N LYS B 62 -21.93 3.89 14.17
CA LYS B 62 -22.35 5.23 14.51
C LYS B 62 -22.11 6.20 13.35
N ALA B 63 -20.94 6.10 12.73
CA ALA B 63 -20.60 6.99 11.63
C ALA B 63 -21.64 6.91 10.51
N LYS B 64 -22.15 5.72 10.26
CA LYS B 64 -23.13 5.53 9.19
C LYS B 64 -24.38 6.39 9.40
N LYS B 65 -24.63 6.78 10.65
CA LYS B 65 -25.81 7.55 10.99
C LYS B 65 -25.59 9.07 11.02
N ASP B 66 -24.40 9.50 11.43
CA ASP B 66 -24.18 10.94 11.60
C ASP B 66 -22.79 11.47 11.24
N ALA B 67 -22.00 10.69 10.52
CA ALA B 67 -20.72 11.21 10.08
C ALA B 67 -20.91 12.36 9.11
N ASP B 68 -20.33 13.51 9.42
CA ASP B 68 -20.37 14.66 8.53
C ASP B 68 -19.12 14.68 7.65
N ILE B 69 -18.00 14.30 8.25
CA ILE B 69 -16.72 14.25 7.54
C ILE B 69 -15.99 12.97 7.92
N LEU B 70 -15.44 12.28 6.93
CA LEU B 70 -14.54 11.19 7.19
C LEU B 70 -13.12 11.68 6.91
N PHE B 71 -12.24 11.53 7.90
CA PHE B 71 -10.83 11.90 7.68
C PHE B 71 -9.96 10.65 7.56
N GLY B 72 -8.84 10.79 6.86
CA GLY B 72 -7.98 9.64 6.57
C GLY B 72 -6.52 9.87 6.90
N ALA B 73 -5.80 8.77 7.11
CA ALA B 73 -4.38 8.83 7.45
C ALA B 73 -3.50 8.36 6.30
N SER B 74 -4.15 8.00 5.18
CA SER B 74 -3.47 7.71 3.92
C SER B 74 -4.54 7.66 2.83
N ASP B 75 -4.13 7.63 1.58
CA ASP B 75 -5.13 7.61 0.51
C ASP B 75 -5.78 6.24 0.37
N GLN B 76 -4.98 5.19 0.30
CA GLN B 76 -5.52 3.85 0.14
C GLN B 76 -6.50 3.48 1.27
N SER B 77 -6.16 3.87 2.49
CA SER B 77 -7.01 3.54 3.63
C SER B 77 -8.28 4.40 3.62
N ALA B 78 -8.15 5.66 3.22
CA ALA B 78 -9.31 6.55 3.15
C ALA B 78 -10.27 6.09 2.06
N LEU B 79 -9.71 5.67 0.92
CA LEU B 79 -10.53 5.13 -0.15
C LEU B 79 -11.30 3.91 0.33
N ALA B 80 -10.61 3.05 1.07
CA ALA B 80 -11.22 1.84 1.61
C ALA B 80 -12.39 2.16 2.55
N ILE B 81 -12.12 3.02 3.53
CA ILE B 81 -13.12 3.36 4.53
C ILE B 81 -14.33 4.05 3.92
N ALA B 82 -14.09 5.04 3.06
CA ALA B 82 -15.18 5.77 2.42
C ALA B 82 -16.03 4.84 1.56
N SER B 83 -15.40 3.83 0.98
CA SER B 83 -16.09 2.87 0.12
C SER B 83 -17.07 2.00 0.91
N ASP B 84 -16.82 1.88 2.21
CA ASP B 84 -17.67 1.06 3.08
C ASP B 84 -18.99 1.75 3.37
N PHE B 85 -19.09 3.03 3.01
CA PHE B 85 -20.25 3.85 3.36
C PHE B 85 -21.33 3.95 2.28
N GLY B 86 -21.04 3.43 1.09
CA GLY B 86 -22.02 3.49 0.01
C GLY B 86 -22.44 4.90 -0.33
N LYS B 87 -23.71 5.07 -0.67
CA LYS B 87 -24.23 6.33 -1.21
C LYS B 87 -23.93 7.60 -0.38
N ASP B 88 -23.81 7.45 0.93
CA ASP B 88 -23.61 8.59 1.82
C ASP B 88 -22.37 9.42 1.47
N PHE B 89 -21.34 8.74 0.96
CA PHE B 89 -20.10 9.40 0.59
C PHE B 89 -19.70 9.06 -0.84
N ASN B 90 -19.25 10.08 -1.58
CA ASN B 90 -18.73 9.88 -2.93
C ASN B 90 -17.20 9.84 -2.88
N VAL B 91 -16.64 8.64 -3.02
CA VAL B 91 -15.20 8.46 -2.85
C VAL B 91 -14.36 9.34 -3.75
N SER B 92 -14.93 9.81 -4.85
CA SER B 92 -14.18 10.65 -5.77
C SER B 92 -13.88 12.02 -5.17
N LYS B 93 -14.49 12.30 -4.03
CA LYS B 93 -14.36 13.62 -3.41
C LYS B 93 -13.37 13.66 -2.25
N ILE B 94 -12.50 12.66 -2.17
CA ILE B 94 -11.45 12.65 -1.15
C ILE B 94 -10.44 13.76 -1.42
N LYS B 95 -10.16 14.56 -0.39
CA LYS B 95 -9.31 15.75 -0.54
C LYS B 95 -8.01 15.63 0.26
N PRO B 96 -6.89 15.39 -0.45
CA PRO B 96 -5.59 15.40 0.24
C PRO B 96 -5.22 16.81 0.65
N LEU B 97 -4.78 16.99 1.90
CA LEU B 97 -4.48 18.33 2.39
C LEU B 97 -3.06 18.48 2.94
N TYR B 98 -2.54 17.43 3.56
CA TYR B 98 -1.18 17.46 4.11
C TYR B 98 -0.51 16.11 3.91
N PHE B 99 0.80 16.06 4.10
CA PHE B 99 1.52 14.80 4.09
C PHE B 99 2.54 14.78 5.21
N ARG B 100 3.03 13.60 5.55
CA ARG B 100 4.12 13.49 6.51
C ARG B 100 4.93 12.24 6.22
N GLU B 101 6.15 12.20 6.73
CA GLU B 101 7.07 11.12 6.42
C GLU B 101 6.94 9.95 7.39
N ALA B 102 7.22 8.76 6.88
CA ALA B 102 7.35 7.58 7.74
C ALA B 102 8.61 7.72 8.57
N ILE B 103 8.59 7.13 9.77
CA ILE B 103 9.77 7.10 10.62
C ILE B 103 9.94 5.71 11.24
N ILE B 104 11.08 5.49 11.87
CA ILE B 104 11.28 4.33 12.71
C ILE B 104 11.21 4.79 14.15
N LEU B 105 10.32 4.19 14.92
CA LEU B 105 10.26 4.50 16.35
C LEU B 105 10.99 3.40 17.11
N THR B 106 12.04 3.77 17.83
CA THR B 106 12.79 2.83 18.63
C THR B 106 12.45 3.01 20.10
N GLN B 107 12.83 2.03 20.92
CA GLN B 107 12.65 2.18 22.36
C GLN B 107 13.52 3.33 22.84
N LYS B 108 13.14 3.94 23.95
CA LYS B 108 13.87 5.09 24.49
C LYS B 108 15.37 4.84 24.55
N GLY B 109 16.14 5.78 24.02
CA GLY B 109 17.60 5.69 24.07
C GLY B 109 18.17 4.98 22.86
N ASN B 110 17.30 4.34 22.07
CA ASN B 110 17.74 3.64 20.87
C ASN B 110 18.94 2.74 21.18
N PRO B 111 18.75 1.79 22.11
CA PRO B 111 19.83 0.94 22.60
C PRO B 111 20.53 0.14 21.51
N LEU B 112 19.81 -0.20 20.45
CA LEU B 112 20.40 -0.99 19.36
C LEU B 112 21.10 -0.12 18.33
N LYS B 113 21.09 1.19 18.56
CA LYS B 113 21.79 2.14 17.70
C LYS B 113 21.33 2.06 16.25
N ILE B 114 20.02 1.98 16.06
CA ILE B 114 19.45 1.91 14.72
C ILE B 114 19.63 3.24 13.99
N LYS B 115 20.18 3.16 12.77
CA LYS B 115 20.52 4.35 12.01
C LYS B 115 19.57 4.61 10.84
N GLY B 116 18.72 3.61 10.54
CA GLY B 116 17.79 3.71 9.43
C GLY B 116 17.22 2.37 9.03
N LEU B 117 16.58 2.31 7.86
CA LEU B 117 15.92 1.10 7.40
C LEU B 117 16.91 -0.02 7.04
N LYS B 118 17.98 0.33 6.35
CA LYS B 118 18.98 -0.66 5.99
C LYS B 118 19.53 -1.29 7.27
N ASP B 119 19.69 -0.47 8.29
CA ASP B 119 20.18 -0.95 9.57
C ASP B 119 19.23 -1.99 10.16
N LEU B 120 17.93 -1.78 9.98
CA LEU B 120 16.91 -2.73 10.46
C LEU B 120 16.91 -4.04 9.71
N ALA B 121 17.50 -4.04 8.51
CA ALA B 121 17.58 -5.26 7.71
C ALA B 121 18.81 -6.06 8.11
N ASN B 122 19.87 -5.35 8.47
CA ASN B 122 21.15 -6.00 8.75
C ASN B 122 21.36 -6.40 10.20
N LYS B 123 20.59 -5.81 11.10
CA LYS B 123 20.68 -6.16 12.52
C LYS B 123 19.58 -7.13 12.92
N LYS B 124 19.75 -7.74 14.09
CA LYS B 124 18.71 -8.61 14.65
C LYS B 124 17.77 -7.77 15.49
N VAL B 125 16.62 -7.42 14.93
CA VAL B 125 15.68 -6.53 15.60
C VAL B 125 14.26 -7.00 15.41
N ARG B 126 13.41 -6.73 16.38
CA ARG B 126 11.99 -7.05 16.31
C ARG B 126 11.21 -5.85 15.80
N ILE B 127 10.61 -6.00 14.63
CA ILE B 127 9.89 -4.89 14.00
C ILE B 127 8.38 -5.13 13.99
N VAL B 128 7.61 -4.10 14.30
CA VAL B 128 6.16 -4.18 14.16
C VAL B 128 5.71 -3.18 13.09
N VAL B 129 4.76 -3.59 12.27
CA VAL B 129 4.26 -2.75 11.19
C VAL B 129 2.76 -2.98 11.04
N PRO B 130 1.99 -1.90 10.83
CA PRO B 130 0.58 -2.08 10.55
C PRO B 130 0.37 -2.51 9.10
N GLU B 131 -0.34 -3.61 8.91
CA GLU B 131 -0.71 -4.09 7.58
C GLU B 131 -2.14 -4.60 7.65
N GLY B 132 -2.97 -4.15 6.71
CA GLY B 132 -4.39 -4.47 6.74
C GLY B 132 -4.72 -5.93 6.48
N ALA B 133 -3.88 -6.59 5.69
CA ALA B 133 -4.11 -7.99 5.31
C ALA B 133 -5.48 -8.17 4.66
N GLY B 134 -6.00 -7.10 4.07
CA GLY B 134 -7.27 -7.16 3.33
C GLY B 134 -8.52 -7.20 4.19
N LYS B 135 -8.35 -7.05 5.50
CA LYS B 135 -9.47 -7.12 6.43
C LYS B 135 -9.49 -5.96 7.41
N SER B 136 -8.48 -5.10 7.32
CA SER B 136 -8.44 -3.89 8.13
C SER B 136 -7.94 -2.75 7.25
N ASN B 137 -8.50 -1.56 7.45
CA ASN B 137 -8.10 -0.40 6.69
C ASN B 137 -7.19 0.50 7.50
N THR B 138 -5.89 0.39 7.24
CA THR B 138 -4.88 1.09 8.02
C THR B 138 -3.89 1.82 7.10
N SER B 139 -3.40 2.95 7.57
CA SER B 139 -2.46 3.78 6.80
C SER B 139 -1.15 3.05 6.51
N GLY B 140 -0.88 1.97 7.22
CA GLY B 140 0.40 1.29 7.11
C GLY B 140 0.54 0.40 5.89
N THR B 141 -0.57 -0.01 5.31
CA THR B 141 -0.56 -1.01 4.24
C THR B 141 0.33 -0.63 3.05
N GLY B 142 1.33 -1.45 2.78
CA GLY B 142 2.22 -1.23 1.64
C GLY B 142 3.46 -0.40 1.93
N VAL B 143 3.50 0.21 3.12
CA VAL B 143 4.56 1.13 3.46
C VAL B 143 5.94 0.49 3.56
N TRP B 144 6.08 -0.54 4.39
CA TRP B 144 7.41 -1.10 4.61
C TRP B 144 8.03 -1.64 3.33
N GLU B 145 7.23 -2.30 2.51
CA GLU B 145 7.79 -2.90 1.29
C GLU B 145 8.15 -1.84 0.26
N ASP B 146 7.39 -0.74 0.23
CA ASP B 146 7.70 0.32 -0.72
C ASP B 146 8.99 1.04 -0.36
N MET B 147 9.29 1.15 0.93
CA MET B 147 10.51 1.80 1.36
C MET B 147 11.74 0.90 1.17
N ILE B 148 11.71 -0.29 1.76
CA ILE B 148 12.87 -1.17 1.67
C ILE B 148 13.10 -1.68 0.24
N GLY B 149 12.02 -1.75 -0.53
CA GLY B 149 12.13 -2.18 -1.92
C GLY B 149 12.98 -1.25 -2.75
N ARG B 150 13.09 0.00 -2.32
CA ARG B 150 13.87 0.99 -3.06
C ARG B 150 15.38 0.78 -2.91
N THR B 151 15.78 -0.21 -2.10
CA THR B 151 17.17 -0.63 -2.04
C THR B 151 17.52 -1.48 -3.26
N GLN B 152 16.49 -1.96 -3.95
CA GLN B 152 16.65 -2.78 -5.15
C GLN B 152 17.58 -3.97 -4.88
N ASP B 153 17.42 -4.58 -3.72
CA ASP B 153 18.22 -5.73 -3.34
C ASP B 153 17.34 -6.75 -2.62
N ILE B 154 17.08 -7.88 -3.27
CA ILE B 154 16.15 -8.86 -2.71
C ILE B 154 16.62 -9.40 -1.36
N LYS B 155 17.93 -9.54 -1.18
CA LYS B 155 18.47 -10.03 0.08
C LYS B 155 18.13 -9.07 1.21
N THR B 156 18.24 -7.77 0.93
CA THR B 156 17.92 -6.75 1.92
C THR B 156 16.44 -6.78 2.25
N ILE B 157 15.61 -6.94 1.22
CA ILE B 157 14.18 -7.03 1.41
C ILE B 157 13.81 -8.25 2.25
N GLN B 158 14.42 -9.39 1.94
CA GLN B 158 14.21 -10.63 2.70
C GLN B 158 14.63 -10.46 4.16
N ASN B 159 15.80 -9.85 4.35
CA ASN B 159 16.34 -9.65 5.69
C ASN B 159 15.45 -8.75 6.55
N PHE B 160 14.96 -7.67 5.96
CA PHE B 160 14.06 -6.79 6.67
C PHE B 160 12.80 -7.54 7.06
N ARG B 161 12.21 -8.24 6.09
CA ARG B 161 10.97 -8.97 6.35
C ARG B 161 11.13 -10.02 7.45
N ASN B 162 12.29 -10.67 7.46
CA ASN B 162 12.57 -11.69 8.47
C ASN B 162 12.56 -11.13 9.89
N ASN B 163 12.75 -9.82 10.00
CA ASN B 163 12.77 -9.16 11.31
C ASN B 163 11.40 -8.70 11.77
N ILE B 164 10.41 -8.76 10.89
CA ILE B 164 9.06 -8.36 11.27
C ILE B 164 8.44 -9.43 12.16
N VAL B 165 8.23 -9.08 13.43
CA VAL B 165 7.70 -10.03 14.41
C VAL B 165 6.18 -9.99 14.45
N ALA B 166 5.61 -8.87 14.01
CA ALA B 166 4.16 -8.71 14.07
C ALA B 166 3.63 -7.77 12.99
N PHE B 167 2.67 -8.27 12.23
CA PHE B 167 1.83 -7.43 11.39
C PHE B 167 0.55 -7.19 12.17
N VAL B 168 0.19 -5.93 12.37
CA VAL B 168 -0.99 -5.59 13.16
C VAL B 168 -2.02 -4.82 12.33
N PRO B 169 -3.30 -4.92 12.69
CA PRO B 169 -4.38 -4.36 11.87
C PRO B 169 -4.46 -2.83 11.85
N ASN B 170 -3.81 -2.17 12.81
CA ASN B 170 -3.85 -0.72 12.87
C ASN B 170 -2.74 -0.15 13.75
N SER B 171 -2.51 1.16 13.64
CA SER B 171 -1.42 1.80 14.37
C SER B 171 -1.60 1.74 15.88
N GLY B 172 -2.85 1.80 16.34
CA GLY B 172 -3.15 1.68 17.77
C GLY B 172 -2.65 0.37 18.35
N SER B 173 -2.78 -0.69 17.54
CA SER B 173 -2.32 -2.02 17.95
C SER B 173 -0.80 -2.06 18.03
N ALA B 174 -0.14 -1.38 17.09
CA ALA B 174 1.31 -1.29 17.08
C ALA B 174 1.79 -0.53 18.31
N ARG B 175 1.11 0.55 18.64
CA ARG B 175 1.49 1.36 19.79
C ARG B 175 1.45 0.54 21.06
N LYS B 176 0.39 -0.25 21.21
CA LYS B 176 0.20 -1.07 22.41
C LYS B 176 1.31 -2.12 22.50
N LEU B 177 1.55 -2.81 21.38
CA LEU B 177 2.60 -3.81 21.30
C LEU B 177 3.94 -3.17 21.65
N PHE B 178 4.22 -2.01 21.06
CA PHE B 178 5.46 -1.29 21.31
C PHE B 178 5.62 -0.91 22.78
N ALA B 179 4.52 -0.45 23.38
CA ALA B 179 4.55 0.01 24.76
C ALA B 179 4.82 -1.14 25.72
N GLN B 180 4.44 -2.35 25.32
CA GLN B 180 4.65 -3.53 26.14
C GLN B 180 6.03 -4.15 25.89
N ASP B 181 6.87 -3.41 25.16
CA ASP B 181 8.24 -3.82 24.88
C ASP B 181 8.31 -5.12 24.08
N GLN B 182 7.31 -5.32 23.22
CA GLN B 182 7.24 -6.53 22.40
C GLN B 182 7.95 -6.33 21.07
N ALA B 183 8.39 -5.11 20.80
CA ALA B 183 9.10 -4.81 19.56
C ALA B 183 10.20 -3.78 19.79
N ASP B 184 11.28 -3.90 19.03
CA ASP B 184 12.40 -2.98 19.14
C ASP B 184 12.18 -1.77 18.25
N ALA B 185 11.42 -1.96 17.17
CA ALA B 185 11.21 -0.90 16.20
C ALA B 185 9.79 -0.94 15.64
N TRP B 186 9.19 0.22 15.52
CA TRP B 186 7.85 0.34 14.98
C TRP B 186 7.91 1.27 13.77
N ILE B 187 7.57 0.74 12.60
CA ILE B 187 7.49 1.54 11.40
C ILE B 187 6.19 2.33 11.44
N THR B 188 6.31 3.65 11.60
CA THR B 188 5.15 4.49 11.83
C THR B 188 5.29 5.86 11.14
N TRP B 189 4.51 6.84 11.61
CA TRP B 189 4.54 8.18 11.04
C TRP B 189 5.08 9.19 12.05
N ILE B 190 5.69 10.26 11.54
CA ILE B 190 6.26 11.28 12.42
C ILE B 190 5.23 11.80 13.43
N ASP B 191 3.98 11.90 13.01
CA ASP B 191 2.96 12.48 13.89
C ASP B 191 2.73 11.64 15.14
N TRP B 192 2.92 10.33 15.04
CA TRP B 192 2.77 9.47 16.22
C TRP B 192 3.83 9.81 17.25
N SER B 193 5.03 10.14 16.79
CA SER B 193 6.10 10.51 17.69
C SER B 193 5.84 11.89 18.30
N LYS B 194 5.43 12.84 17.45
CA LYS B 194 5.12 14.19 17.90
C LYS B 194 3.98 14.22 18.92
N SER B 195 2.96 13.40 18.68
CA SER B 195 1.81 13.32 19.56
C SER B 195 2.15 12.67 20.89
N ASN B 196 3.26 11.95 20.92
CA ASN B 196 3.64 11.15 22.09
C ASN B 196 5.13 11.24 22.37
N PRO B 197 5.60 12.40 22.84
CA PRO B 197 7.02 12.57 23.10
C PRO B 197 7.56 11.54 24.09
N ASP B 198 6.70 11.00 24.94
CA ASP B 198 7.12 10.15 26.03
C ASP B 198 7.30 8.68 25.66
N ILE B 199 6.85 8.31 24.46
CA ILE B 199 6.78 6.87 24.14
C ILE B 199 8.10 6.21 23.71
N GLY B 200 8.68 6.69 22.59
CA GLY B 200 9.90 6.11 22.05
C GLY B 200 10.82 7.17 21.49
N THR B 201 11.81 6.74 20.72
CA THR B 201 12.77 7.65 20.10
C THR B 201 12.71 7.54 18.58
N ALA B 202 12.37 8.64 17.91
CA ALA B 202 12.24 8.65 16.46
C ALA B 202 13.60 8.64 15.76
N VAL B 203 13.72 7.78 14.75
CA VAL B 203 14.89 7.75 13.89
C VAL B 203 14.43 7.99 12.46
N ALA B 204 15.02 9.00 11.82
CA ALA B 204 14.64 9.36 10.45
C ALA B 204 15.05 8.27 9.47
N ILE B 205 14.20 8.05 8.46
CA ILE B 205 14.48 7.07 7.43
C ILE B 205 15.25 7.71 6.27
N GLU B 206 16.16 6.93 5.68
CA GLU B 206 16.94 7.39 4.55
C GLU B 206 16.08 8.15 3.54
N LYS B 207 16.53 9.33 3.14
CA LYS B 207 15.79 10.16 2.20
C LYS B 207 15.45 9.42 0.91
N ASP B 208 16.34 8.53 0.48
CA ASP B 208 16.15 7.84 -0.80
C ASP B 208 15.25 6.61 -0.67
N LEU B 209 14.76 6.34 0.53
CA LEU B 209 13.88 5.19 0.78
C LEU B 209 12.52 5.59 1.33
N VAL B 210 12.46 6.69 2.06
CA VAL B 210 11.28 7.04 2.84
C VAL B 210 10.05 7.32 1.97
N VAL B 211 8.87 6.98 2.49
CA VAL B 211 7.63 7.38 1.82
C VAL B 211 6.88 8.41 2.64
N TYR B 212 6.05 9.17 1.96
CA TYR B 212 5.24 10.21 2.57
C TYR B 212 3.80 9.92 2.22
N ARG B 213 2.94 9.85 3.22
CA ARG B 213 1.51 9.66 2.98
C ARG B 213 0.67 10.80 3.52
N THR B 214 -0.56 10.88 3.06
CA THR B 214 -1.36 12.09 3.23
C THR B 214 -2.44 12.02 4.29
N PHE B 215 -2.82 13.19 4.78
CA PHE B 215 -4.05 13.40 5.53
C PHE B 215 -5.09 13.86 4.52
N ASN B 216 -6.32 13.37 4.66
CA ASN B 216 -7.37 13.77 3.76
C ASN B 216 -8.72 13.85 4.45
N VAL B 217 -9.68 14.50 3.80
CA VAL B 217 -11.04 14.58 4.31
C VAL B 217 -12.03 14.42 3.17
N ILE B 218 -13.23 13.96 3.50
CA ILE B 218 -14.32 13.93 2.55
C ILE B 218 -15.63 14.27 3.28
N ALA B 219 -16.37 15.22 2.73
CA ALA B 219 -17.63 15.63 3.31
C ALA B 219 -18.75 14.76 2.75
N LYS B 220 -19.72 14.43 3.60
CA LYS B 220 -20.86 13.64 3.17
C LYS B 220 -21.65 14.38 2.10
N GLU B 221 -22.38 13.63 1.29
CA GLU B 221 -23.26 14.22 0.29
C GLU B 221 -24.32 15.04 1.02
N GLY B 222 -24.56 16.25 0.53
CA GLY B 222 -25.51 17.16 1.18
C GLY B 222 -25.00 17.68 2.51
N ALA B 223 -23.69 17.86 2.62
CA ALA B 223 -23.08 18.35 3.86
C ALA B 223 -23.63 19.71 4.26
N SER B 224 -23.81 19.92 5.56
CA SER B 224 -24.33 21.17 6.08
C SER B 224 -23.36 22.32 5.88
N LYS B 225 -23.87 23.55 6.01
CA LYS B 225 -23.03 24.74 5.87
C LYS B 225 -21.92 24.72 6.92
N GLU B 226 -22.27 24.31 8.13
CA GLU B 226 -21.31 24.23 9.24
C GLU B 226 -20.18 23.26 8.91
N THR B 227 -20.52 22.17 8.23
CA THR B 227 -19.54 21.16 7.84
C THR B 227 -18.58 21.73 6.80
N GLN B 228 -19.14 22.40 5.80
CA GLN B 228 -18.35 23.02 4.74
C GLN B 228 -17.42 24.08 5.32
N ASP B 229 -17.92 24.84 6.30
CA ASP B 229 -17.14 25.88 6.94
C ASP B 229 -15.91 25.33 7.65
N PHE B 230 -16.07 24.19 8.33
CA PHE B 230 -14.96 23.58 9.04
C PHE B 230 -13.94 23.01 8.07
N ILE B 231 -14.41 22.38 7.00
CA ILE B 231 -13.52 21.89 5.95
C ILE B 231 -12.60 23.00 5.46
N ALA B 232 -13.16 24.18 5.20
CA ALA B 232 -12.37 25.32 4.78
C ALA B 232 -11.33 25.67 5.84
N TYR B 233 -11.75 25.63 7.11
CA TYR B 233 -10.88 26.00 8.22
C TYR B 233 -9.64 25.11 8.28
N LEU B 234 -9.75 23.89 7.77
CA LEU B 234 -8.63 22.96 7.80
C LEU B 234 -7.47 23.44 6.91
N SER B 235 -7.76 24.41 6.05
CA SER B 235 -6.74 24.99 5.19
C SER B 235 -6.40 26.42 5.61
N SER B 236 -6.91 26.82 6.77
CA SER B 236 -6.65 28.16 7.29
C SER B 236 -5.26 28.26 7.89
N LYS B 237 -4.78 29.48 8.05
CA LYS B 237 -3.44 29.69 8.63
C LYS B 237 -3.31 29.05 10.00
N GLU B 238 -4.35 29.16 10.81
CA GLU B 238 -4.35 28.57 12.15
C GLU B 238 -4.25 27.05 12.10
N ALA B 239 -4.98 26.45 11.18
CA ALA B 239 -4.97 25.00 11.02
C ALA B 239 -3.59 24.51 10.55
N LYS B 240 -3.04 25.20 9.54
CA LYS B 240 -1.74 24.85 9.01
C LYS B 240 -0.69 24.77 10.11
N GLU B 241 -0.70 25.75 11.00
CA GLU B 241 0.30 25.80 12.07
C GLU B 241 0.15 24.64 13.05
N ILE B 242 -1.09 24.28 13.37
CA ILE B 242 -1.34 23.15 14.26
C ILE B 242 -0.91 21.85 13.60
N PHE B 243 -1.31 21.65 12.35
CA PHE B 243 -0.86 20.50 11.59
C PHE B 243 0.67 20.42 11.61
N LYS B 244 1.32 21.55 11.36
CA LYS B 244 2.77 21.61 11.31
C LYS B 244 3.39 21.15 12.62
N LYS B 245 2.77 21.51 13.74
CA LYS B 245 3.27 21.12 15.06
C LYS B 245 3.36 19.60 15.18
N TYR B 246 2.46 18.89 14.52
CA TYR B 246 2.44 17.43 14.59
C TYR B 246 3.18 16.76 13.43
N GLY B 247 3.84 17.57 12.60
CA GLY B 247 4.69 17.04 11.54
C GLY B 247 4.06 17.00 10.15
N TRP B 248 2.84 17.52 10.04
CA TRP B 248 2.14 17.54 8.76
C TRP B 248 2.57 18.73 7.90
N ARG B 249 2.95 18.45 6.66
CA ARG B 249 3.51 19.46 5.76
C ARG B 249 2.69 19.63 4.49
N GLU B 250 2.96 20.71 3.77
CA GLU B 250 2.35 20.95 2.46
C GLU B 250 3.41 20.93 1.36
N HIS B 251 4.63 21.28 1.73
CA HIS B 251 5.73 21.32 0.78
C HIS B 251 7.07 21.10 1.47
P PO4 C . -2.84 -7.72 -9.20
O1 PO4 C . -4.20 -7.04 -9.08
O2 PO4 C . -2.40 -8.21 -7.83
O3 PO4 C . -2.96 -8.87 -10.16
O4 PO4 C . -1.83 -6.73 -9.71
P PO4 D . -3.96 3.81 11.12
O1 PO4 D . -4.60 4.54 12.27
O2 PO4 D . -4.02 2.31 11.40
O3 PO4 D . -4.69 4.11 9.84
O4 PO4 D . -2.51 4.24 10.99
#